data_5H6H
#
_entry.id   5H6H
#
_cell.length_a   50.318
_cell.length_b   55.275
_cell.length_c   58.699
_cell.angle_alpha   107.22
_cell.angle_beta   102.71
_cell.angle_gamma   91.75
#
_symmetry.space_group_name_H-M   'P 1'
#
loop_
_entity.id
_entity.type
_entity.pdbx_description
1 polymer 'Uncharacterized protein TM_0416'
2 non-polymer 'MANGANESE (II) ION'
3 non-polymer 'TRIETHYLENE GLYCOL'
4 non-polymer 'TETRAETHYLENE GLYCOL'
5 non-polymer 'PENTAETHYLENE GLYCOL'
6 water water
#
_entity_poly.entity_id   1
_entity_poly.type   'polypeptide(L)'
_entity_poly.pdbx_seq_one_letter_code
;MGSSHHHHHHSSGLVPRGSHMKLSLVISTSDAAFDALAFKGDLRKGMELAKRVGYQAVEIAVRDPSIVDWNEVKILSEEL
NLPICAIGTGQAYLADGLSLTHPNDEIRKKAIERVVKHTEVAGMFGALVIIGLVRGRREGRSYEETEELFIESMKRLLEL
TEHAKFVIEPLNRYETDFINTIDDALRILRKINSNRVGILADTFHMNIEEVNIPESLKRAGEKLYHFHVADSNRWAPGCG
HFDFRSVFNTLKEIGYNRYVSVECLPLPGGMEEAAEIAFKTLKELIIKLT
;
_entity_poly.pdbx_strand_id   A,B
#
# COMPACT_ATOMS: atom_id res chain seq x y z
N MET A 21 -20.86 -21.55 0.72
CA MET A 21 -20.20 -21.08 -0.50
C MET A 21 -21.13 -20.19 -1.33
N LYS A 22 -20.55 -19.20 -2.00
CA LYS A 22 -21.29 -18.31 -2.89
C LYS A 22 -20.75 -18.44 -4.31
N LEU A 23 -21.58 -18.07 -5.29
CA LEU A 23 -21.22 -18.14 -6.69
C LEU A 23 -21.02 -16.74 -7.27
N SER A 24 -19.94 -16.57 -8.02
CA SER A 24 -19.60 -15.34 -8.71
C SER A 24 -19.29 -15.63 -10.16
N LEU A 25 -19.43 -14.61 -11.01
CA LEU A 25 -19.11 -14.70 -12.43
C LEU A 25 -18.03 -13.68 -12.79
N VAL A 26 -16.95 -14.15 -13.42
CA VAL A 26 -15.97 -13.24 -13.99
C VAL A 26 -16.52 -12.70 -15.30
N ILE A 27 -16.45 -11.39 -15.47
CA ILE A 27 -16.96 -10.71 -16.65
C ILE A 27 -15.80 -10.06 -17.38
N SER A 28 -15.72 -10.31 -18.69
CA SER A 28 -14.70 -9.67 -19.51
C SER A 28 -15.12 -8.24 -19.85
N THR A 29 -14.19 -7.30 -19.72
CA THR A 29 -14.46 -5.91 -20.06
C THR A 29 -13.39 -5.39 -20.99
N SER A 30 -13.81 -4.63 -22.00
CA SER A 30 -12.86 -3.91 -22.83
C SER A 30 -12.05 -2.95 -21.96
N ASP A 31 -10.82 -2.70 -22.37
CA ASP A 31 -10.01 -1.71 -21.66
C ASP A 31 -10.57 -0.31 -21.87
N ALA A 32 -10.68 0.46 -20.79
CA ALA A 32 -11.37 1.75 -20.88
C ALA A 32 -10.59 2.78 -21.67
N ALA A 33 -9.25 2.73 -21.63
CA ALA A 33 -8.48 3.65 -22.48
C ALA A 33 -8.75 3.39 -23.94
N PHE A 34 -8.79 2.11 -24.33
CA PHE A 34 -9.02 1.71 -25.71
C PHE A 34 -10.50 1.57 -26.06
N ASP A 35 -11.37 2.28 -25.33
CA ASP A 35 -12.82 2.34 -25.56
C ASP A 35 -13.68 2.49 -24.29
N ALA A 36 -13.82 3.70 -23.80
CA ALA A 36 -14.55 3.99 -22.59
C ALA A 36 -15.99 3.51 -22.51
N LEU A 37 -16.72 3.76 -23.59
CA LEU A 37 -18.08 3.33 -23.71
C LEU A 37 -18.16 1.81 -23.75
N ALA A 38 -17.19 1.16 -24.35
CA ALA A 38 -17.22 -0.29 -24.39
C ALA A 38 -16.97 -0.89 -23.02
N PHE A 39 -16.06 -0.30 -22.23
CA PHE A 39 -15.89 -0.79 -20.87
C PHE A 39 -17.19 -0.71 -20.09
N LYS A 40 -17.86 0.45 -20.13
CA LYS A 40 -19.10 0.62 -19.40
C LYS A 40 -20.16 -0.34 -19.91
N GLY A 41 -20.27 -0.49 -21.24
CA GLY A 41 -21.27 -1.38 -21.80
C GLY A 41 -21.02 -2.84 -21.48
N ASP A 42 -19.76 -3.28 -21.62
CA ASP A 42 -19.42 -4.66 -21.26
C ASP A 42 -19.72 -4.92 -19.79
N LEU A 43 -19.37 -3.97 -18.93
CA LEU A 43 -19.58 -4.17 -17.49
C LEU A 43 -21.06 -4.29 -17.17
N ARG A 44 -21.89 -3.40 -17.72
CA ARG A 44 -23.32 -3.47 -17.45
C ARG A 44 -23.93 -4.74 -18.02
N LYS A 45 -23.57 -5.09 -19.25
CA LYS A 45 -24.08 -6.31 -19.88
C LYS A 45 -23.75 -7.52 -19.02
N GLY A 46 -22.50 -7.60 -18.56
CA GLY A 46 -22.08 -8.75 -17.78
C GLY A 46 -22.72 -8.80 -16.41
N MET A 47 -22.83 -7.65 -15.74
CA MET A 47 -23.47 -7.63 -14.42
C MET A 47 -24.96 -7.97 -14.53
N GLU A 48 -25.65 -7.45 -15.55
CA GLU A 48 -27.04 -7.81 -15.74
C GLU A 48 -27.20 -9.30 -16.04
N LEU A 49 -26.28 -9.86 -16.83
CA LEU A 49 -26.28 -11.31 -17.05
C LEU A 49 -26.07 -12.08 -15.75
N ALA A 50 -25.08 -11.68 -14.96
CA ALA A 50 -24.81 -12.38 -13.72
C ALA A 50 -26.03 -12.37 -12.83
N LYS A 51 -26.69 -11.20 -12.72
CA LYS A 51 -27.85 -11.11 -11.84
C LYS A 51 -29.00 -11.99 -12.34
N ARG A 52 -29.26 -11.96 -13.64
CA ARG A 52 -30.35 -12.74 -14.24
C ARG A 52 -30.13 -14.24 -14.03
N VAL A 53 -28.90 -14.69 -14.15
CA VAL A 53 -28.61 -16.12 -14.01
C VAL A 53 -28.68 -16.56 -12.55
N GLY A 54 -28.39 -15.66 -11.61
CA GLY A 54 -28.47 -15.96 -10.20
C GLY A 54 -27.18 -15.81 -9.43
N TYR A 55 -26.10 -15.38 -10.08
CA TYR A 55 -24.85 -15.21 -9.35
C TYR A 55 -24.99 -14.15 -8.25
N GLN A 56 -24.24 -14.34 -7.16
CA GLN A 56 -24.33 -13.47 -5.99
C GLN A 56 -23.32 -12.33 -6.02
N ALA A 57 -22.32 -12.41 -6.89
CA ALA A 57 -21.30 -11.36 -7.03
C ALA A 57 -20.72 -11.48 -8.43
N VAL A 58 -19.94 -10.48 -8.80
CA VAL A 58 -19.17 -10.51 -10.04
C VAL A 58 -17.72 -10.28 -9.71
N GLU A 59 -16.89 -10.68 -10.65
CA GLU A 59 -15.45 -10.49 -10.57
C GLU A 59 -15.02 -9.83 -11.88
N ILE A 60 -14.09 -8.89 -11.78
CA ILE A 60 -13.63 -8.11 -12.92
C ILE A 60 -12.12 -8.23 -13.05
N ALA A 61 -11.62 -7.72 -14.17
CA ALA A 61 -10.19 -7.65 -14.41
C ALA A 61 -9.94 -6.36 -15.16
N VAL A 62 -9.02 -5.54 -14.65
CA VAL A 62 -8.71 -4.26 -15.27
C VAL A 62 -7.20 -4.10 -15.34
N ARG A 63 -6.72 -3.47 -16.41
CA ARG A 63 -5.29 -3.27 -16.62
C ARG A 63 -4.78 -2.12 -15.77
N ASP A 64 -5.43 -0.97 -15.88
CA ASP A 64 -5.03 0.22 -15.15
C ASP A 64 -6.30 0.87 -14.62
N PRO A 65 -6.54 0.83 -13.31
CA PRO A 65 -7.77 1.42 -12.76
C PRO A 65 -7.82 2.94 -12.86
N SER A 66 -6.70 3.62 -13.13
CA SER A 66 -6.66 5.08 -13.14
C SER A 66 -7.60 5.70 -14.15
N ILE A 67 -7.98 4.95 -15.18
CA ILE A 67 -8.73 5.48 -16.32
C ILE A 67 -10.21 5.12 -16.26
N VAL A 68 -10.66 4.51 -15.16
CA VAL A 68 -12.05 4.10 -14.98
C VAL A 68 -12.69 4.98 -13.93
N ASP A 69 -13.95 5.36 -14.17
CA ASP A 69 -14.75 6.09 -13.18
C ASP A 69 -15.39 5.06 -12.26
N TRP A 70 -14.79 4.87 -11.08
CA TRP A 70 -15.25 3.83 -10.16
C TRP A 70 -16.45 4.23 -9.34
N ASN A 71 -16.73 5.54 -9.22
CA ASN A 71 -17.99 5.97 -8.62
C ASN A 71 -19.16 5.43 -9.42
N GLU A 72 -19.06 5.47 -10.75
CA GLU A 72 -20.11 4.92 -11.60
C GLU A 72 -20.22 3.41 -11.46
N VAL A 73 -19.09 2.73 -11.33
CA VAL A 73 -19.12 1.28 -11.12
C VAL A 73 -19.83 0.94 -9.81
N LYS A 74 -19.54 1.72 -8.76
CA LYS A 74 -20.16 1.48 -7.46
C LYS A 74 -21.68 1.66 -7.53
N ILE A 75 -22.14 2.69 -8.25
CA ILE A 75 -23.57 2.90 -8.42
C ILE A 75 -24.21 1.70 -9.12
N LEU A 76 -23.55 1.18 -10.15
CA LEU A 76 -24.09 0.02 -10.86
C LEU A 76 -24.18 -1.19 -9.94
N SER A 77 -23.14 -1.42 -9.13
CA SER A 77 -23.15 -2.53 -8.18
C SER A 77 -24.29 -2.37 -7.18
N GLU A 78 -24.54 -1.14 -6.71
CA GLU A 78 -25.63 -0.90 -5.79
C GLU A 78 -26.99 -1.09 -6.46
N GLU A 79 -27.14 -0.60 -7.69
CA GLU A 79 -28.40 -0.76 -8.41
C GLU A 79 -28.77 -2.22 -8.59
N LEU A 80 -27.81 -3.07 -8.91
CA LEU A 80 -28.09 -4.46 -9.21
C LEU A 80 -27.94 -5.38 -8.01
N ASN A 81 -27.56 -4.85 -6.85
CA ASN A 81 -27.28 -5.66 -5.66
C ASN A 81 -26.28 -6.78 -5.99
N LEU A 82 -25.17 -6.38 -6.61
CA LEU A 82 -24.13 -7.32 -7.03
C LEU A 82 -22.78 -6.79 -6.57
N PRO A 83 -22.25 -7.30 -5.48
CA PRO A 83 -20.89 -6.92 -5.07
C PRO A 83 -19.86 -7.36 -6.09
N ILE A 84 -18.72 -6.68 -6.05
CA ILE A 84 -17.53 -7.06 -6.79
C ILE A 84 -16.62 -7.76 -5.81
N CYS A 85 -16.41 -9.06 -5.99
CA CYS A 85 -15.71 -9.85 -4.99
C CYS A 85 -14.20 -9.93 -5.23
N ALA A 86 -13.73 -9.69 -6.45
CA ALA A 86 -12.31 -9.81 -6.75
C ALA A 86 -11.98 -8.99 -7.98
N ILE A 87 -10.73 -8.54 -8.06
CA ILE A 87 -10.24 -7.72 -9.17
C ILE A 87 -8.95 -8.36 -9.68
N GLY A 88 -8.94 -8.74 -10.96
CA GLY A 88 -7.73 -9.28 -11.57
C GLY A 88 -6.83 -8.19 -12.11
N THR A 89 -5.53 -8.50 -12.16
CA THR A 89 -4.50 -7.52 -12.51
C THR A 89 -3.59 -7.96 -13.66
N GLY A 90 -3.87 -9.10 -14.28
CA GLY A 90 -2.91 -9.72 -15.17
C GLY A 90 -2.61 -8.91 -16.42
N GLN A 91 -3.55 -8.08 -16.85
N GLN A 91 -3.55 -8.08 -16.87
CA GLN A 91 -3.32 -7.24 -18.02
CA GLN A 91 -3.25 -7.28 -18.06
C GLN A 91 -2.23 -6.21 -17.79
C GLN A 91 -2.20 -6.21 -17.79
N ALA A 92 -1.94 -5.86 -16.53
CA ALA A 92 -0.82 -4.98 -16.25
C ALA A 92 0.49 -5.60 -16.71
N TYR A 93 0.56 -6.94 -16.68
CA TYR A 93 1.71 -7.65 -17.22
C TYR A 93 1.61 -7.85 -18.72
N LEU A 94 0.49 -8.43 -19.17
CA LEU A 94 0.37 -8.81 -20.57
C LEU A 94 0.40 -7.61 -21.50
N ALA A 95 -0.23 -6.51 -21.11
CA ALA A 95 -0.28 -5.32 -21.97
C ALA A 95 0.84 -4.33 -21.64
N ASP A 96 1.11 -4.09 -20.36
CA ASP A 96 2.02 -3.02 -19.95
C ASP A 96 3.40 -3.51 -19.53
N GLY A 97 3.63 -4.82 -19.47
CA GLY A 97 4.94 -5.33 -19.13
C GLY A 97 5.33 -5.18 -17.68
N LEU A 98 4.40 -4.84 -16.81
CA LEU A 98 4.74 -4.63 -15.40
C LEU A 98 4.80 -5.97 -14.67
N SER A 99 5.86 -6.18 -13.92
CA SER A 99 6.06 -7.41 -13.18
C SER A 99 6.62 -7.09 -11.81
N LEU A 100 6.08 -7.75 -10.78
CA LEU A 100 6.57 -7.59 -9.42
C LEU A 100 7.95 -8.23 -9.21
N THR A 101 8.43 -9.02 -10.17
CA THR A 101 9.77 -9.60 -10.09
C THR A 101 10.66 -9.13 -11.23
N HIS A 102 10.31 -8.05 -11.92
CA HIS A 102 11.04 -7.68 -13.13
C HIS A 102 12.50 -7.46 -12.79
N PRO A 103 13.44 -7.92 -13.62
CA PRO A 103 14.86 -7.67 -13.33
C PRO A 103 15.19 -6.18 -13.22
N ASN A 104 14.45 -5.32 -13.91
CA ASN A 104 14.65 -3.87 -13.85
C ASN A 104 13.88 -3.35 -12.65
N ASP A 105 14.61 -2.89 -11.62
CA ASP A 105 13.96 -2.41 -10.40
C ASP A 105 13.01 -1.25 -10.65
N GLU A 106 13.24 -0.46 -11.69
CA GLU A 106 12.32 0.62 -12.04
C GLU A 106 10.97 0.06 -12.44
N ILE A 107 10.97 -1.04 -13.19
CA ILE A 107 9.71 -1.67 -13.57
C ILE A 107 9.05 -2.36 -12.38
N ARG A 108 9.85 -2.98 -11.51
CA ARG A 108 9.31 -3.55 -10.28
C ARG A 108 8.58 -2.49 -9.48
N LYS A 109 9.19 -1.30 -9.33
CA LYS A 109 8.54 -0.23 -8.59
C LYS A 109 7.24 0.21 -9.27
N LYS A 110 7.26 0.34 -10.59
CA LYS A 110 6.04 0.70 -11.30
C LYS A 110 4.97 -0.37 -11.15
N ALA A 111 5.37 -1.64 -11.10
CA ALA A 111 4.38 -2.70 -10.90
C ALA A 111 3.75 -2.61 -9.52
N ILE A 112 4.56 -2.36 -8.49
CA ILE A 112 4.01 -2.16 -7.15
C ILE A 112 3.04 -0.98 -7.16
N GLU A 113 3.43 0.11 -7.82
CA GLU A 113 2.57 1.29 -7.85
C GLU A 113 1.25 1.01 -8.56
N ARG A 114 1.29 0.22 -9.64
CA ARG A 114 0.07 -0.13 -10.36
C ARG A 114 -0.83 -0.96 -9.46
N VAL A 115 -0.27 -1.96 -8.79
CA VAL A 115 -1.07 -2.82 -7.92
C VAL A 115 -1.65 -2.04 -6.76
N VAL A 116 -0.90 -1.05 -6.23
CA VAL A 116 -1.50 -0.18 -5.22
C VAL A 116 -2.78 0.47 -5.76
N LYS A 117 -2.79 0.89 -7.02
CA LYS A 117 -4.01 1.47 -7.58
C LYS A 117 -5.14 0.45 -7.63
N HIS A 118 -4.83 -0.80 -7.95
CA HIS A 118 -5.85 -1.85 -7.85
C HIS A 118 -6.40 -1.98 -6.44
N THR A 119 -5.54 -1.85 -5.41
CA THR A 119 -6.02 -1.98 -4.04
C THR A 119 -6.91 -0.82 -3.65
N GLU A 120 -6.67 0.36 -4.23
CA GLU A 120 -7.52 1.50 -3.94
C GLU A 120 -8.93 1.25 -4.42
N VAL A 121 -9.07 0.70 -5.64
CA VAL A 121 -10.37 0.30 -6.13
C VAL A 121 -10.95 -0.83 -5.29
N ALA A 122 -10.14 -1.83 -4.97
CA ALA A 122 -10.64 -2.98 -4.22
C ALA A 122 -11.25 -2.56 -2.90
N GLY A 123 -10.65 -1.55 -2.26
CA GLY A 123 -11.16 -1.05 -0.99
C GLY A 123 -12.53 -0.42 -1.09
N MET A 124 -12.91 0.07 -2.27
CA MET A 124 -14.27 0.61 -2.44
C MET A 124 -15.31 -0.49 -2.45
N PHE A 125 -14.91 -1.72 -2.75
CA PHE A 125 -15.82 -2.83 -2.95
C PHE A 125 -15.62 -3.97 -1.96
N GLY A 126 -14.61 -3.90 -1.11
CA GLY A 126 -14.27 -5.05 -0.30
C GLY A 126 -13.77 -6.23 -1.11
N ALA A 127 -13.12 -5.99 -2.24
CA ALA A 127 -12.73 -7.04 -3.18
C ALA A 127 -11.32 -7.52 -2.91
N LEU A 128 -11.09 -8.79 -3.22
CA LEU A 128 -9.74 -9.33 -3.23
C LEU A 128 -8.98 -8.84 -4.45
N VAL A 129 -7.67 -8.69 -4.30
CA VAL A 129 -6.79 -8.32 -5.41
C VAL A 129 -6.00 -9.55 -5.82
N ILE A 130 -6.13 -9.95 -7.08
CA ILE A 130 -5.53 -11.21 -7.54
C ILE A 130 -4.12 -10.94 -8.03
N ILE A 131 -3.18 -11.72 -7.52
CA ILE A 131 -1.79 -11.70 -7.98
C ILE A 131 -1.62 -12.92 -8.88
N GLY A 132 -1.81 -12.71 -10.18
CA GLY A 132 -1.61 -13.70 -11.21
C GLY A 132 -0.34 -13.41 -11.98
N LEU A 133 -0.45 -13.21 -13.30
CA LEU A 133 0.71 -12.96 -14.14
C LEU A 133 1.47 -11.69 -13.77
N VAL A 134 0.87 -10.76 -13.02
CA VAL A 134 1.59 -9.56 -12.61
C VAL A 134 2.82 -9.91 -11.77
N ARG A 135 2.90 -11.12 -11.23
CA ARG A 135 4.09 -11.47 -10.47
C ARG A 135 5.30 -11.66 -11.38
N GLY A 136 5.10 -11.92 -12.67
CA GLY A 136 6.20 -12.11 -13.61
C GLY A 136 6.80 -13.50 -13.57
N ARG A 137 7.71 -13.74 -14.51
CA ARG A 137 8.32 -15.04 -14.78
C ARG A 137 9.79 -15.04 -14.34
N ARG A 138 10.38 -16.24 -14.39
CA ARG A 138 11.79 -16.39 -14.00
C ARG A 138 12.73 -15.64 -14.92
N GLU A 139 12.42 -15.56 -16.22
CA GLU A 139 13.26 -14.82 -17.17
C GLU A 139 14.73 -15.23 -17.09
N GLY A 140 14.96 -16.55 -17.09
CA GLY A 140 16.31 -17.08 -17.10
C GLY A 140 17.02 -17.10 -15.76
N ARG A 141 16.34 -16.71 -14.68
CA ARG A 141 16.94 -16.67 -13.36
C ARG A 141 16.58 -17.92 -12.56
N SER A 142 17.23 -18.07 -11.41
CA SER A 142 16.89 -19.14 -10.49
C SER A 142 15.48 -18.93 -9.94
N TYR A 143 14.81 -20.05 -9.66
CA TYR A 143 13.56 -19.95 -8.92
C TYR A 143 13.76 -19.19 -7.61
N GLU A 144 14.88 -19.46 -6.91
CA GLU A 144 15.13 -18.84 -5.62
C GLU A 144 15.17 -17.32 -5.71
N GLU A 145 15.86 -16.77 -6.72
CA GLU A 145 15.92 -15.32 -6.82
C GLU A 145 14.57 -14.74 -7.17
N THR A 146 13.86 -15.37 -8.10
CA THR A 146 12.54 -14.90 -8.49
C THR A 146 11.60 -14.89 -7.30
N GLU A 147 11.64 -15.97 -6.50
CA GLU A 147 10.83 -16.04 -5.29
C GLU A 147 11.21 -14.95 -4.29
N GLU A 148 12.51 -14.73 -4.08
CA GLU A 148 12.90 -13.69 -3.12
C GLU A 148 12.46 -12.31 -3.56
N LEU A 149 12.59 -12.01 -4.85
CA LEU A 149 12.11 -10.72 -5.34
C LEU A 149 10.61 -10.59 -5.16
N PHE A 150 9.87 -11.67 -5.40
CA PHE A 150 8.43 -11.63 -5.25
C PHE A 150 8.04 -11.40 -3.81
N ILE A 151 8.68 -12.12 -2.87
CA ILE A 151 8.36 -11.94 -1.46
C ILE A 151 8.64 -10.50 -1.02
N GLU A 152 9.74 -9.92 -1.50
CA GLU A 152 10.01 -8.52 -1.19
C GLU A 152 8.93 -7.60 -1.74
N SER A 153 8.47 -7.83 -2.96
CA SER A 153 7.40 -6.99 -3.52
C SER A 153 6.10 -7.15 -2.76
N MET A 154 5.76 -8.38 -2.38
CA MET A 154 4.54 -8.58 -1.59
C MET A 154 4.64 -7.93 -0.22
N LYS A 155 5.80 -8.02 0.43
CA LYS A 155 5.96 -7.35 1.72
C LYS A 155 5.83 -5.84 1.56
N ARG A 156 6.38 -5.27 0.48
CA ARG A 156 6.18 -3.84 0.22
C ARG A 156 4.71 -3.52 0.03
N LEU A 157 3.99 -4.34 -0.74
CA LEU A 157 2.57 -4.12 -0.92
C LEU A 157 1.82 -4.16 0.40
N LEU A 158 2.20 -5.06 1.32
CA LEU A 158 1.56 -5.10 2.62
C LEU A 158 1.89 -3.87 3.45
N GLU A 159 3.12 -3.39 3.35
CA GLU A 159 3.49 -2.16 4.06
C GLU A 159 2.77 -0.95 3.49
N LEU A 160 2.40 -0.98 2.22
CA LEU A 160 1.78 0.15 1.55
C LEU A 160 0.27 0.20 1.72
N THR A 161 -0.35 -0.88 2.20
CA THR A 161 -1.80 -1.00 2.26
C THR A 161 -2.21 -1.38 3.68
N GLU A 162 -3.32 -0.82 4.15
CA GLU A 162 -3.81 -1.14 5.47
C GLU A 162 -4.91 -2.19 5.46
N HIS A 163 -5.66 -2.29 4.37
CA HIS A 163 -6.84 -3.14 4.33
C HIS A 163 -6.83 -4.15 3.20
N ALA A 164 -6.00 -3.98 2.19
CA ALA A 164 -6.06 -4.82 1.00
C ALA A 164 -5.75 -6.27 1.33
N LYS A 165 -6.48 -7.18 0.70
CA LYS A 165 -6.19 -8.60 0.77
C LYS A 165 -5.89 -9.12 -0.61
N PHE A 166 -4.84 -9.94 -0.71
CA PHE A 166 -4.30 -10.43 -1.96
C PHE A 166 -4.45 -11.93 -2.03
N VAL A 167 -4.65 -12.46 -3.24
CA VAL A 167 -4.65 -13.90 -3.44
C VAL A 167 -3.69 -14.24 -4.59
N ILE A 168 -2.81 -15.19 -4.32
CA ILE A 168 -1.85 -15.68 -5.31
C ILE A 168 -2.48 -16.82 -6.08
N GLU A 169 -2.52 -16.70 -7.41
CA GLU A 169 -3.10 -17.76 -8.23
C GLU A 169 -2.00 -18.57 -8.89
N PRO A 170 -1.80 -19.84 -8.54
CA PRO A 170 -0.88 -20.68 -9.31
C PRO A 170 -1.43 -20.88 -10.72
N LEU A 171 -0.51 -20.82 -11.70
CA LEU A 171 -0.87 -20.86 -13.12
C LEU A 171 -0.07 -21.97 -13.80
N ASN A 172 -0.60 -22.49 -14.91
CA ASN A 172 0.07 -23.61 -15.55
C ASN A 172 1.38 -23.18 -16.25
N ARG A 173 2.18 -24.20 -16.57
CA ARG A 173 3.53 -24.05 -17.11
C ARG A 173 3.59 -23.23 -18.40
N TYR A 174 2.53 -23.21 -19.19
CA TYR A 174 2.57 -22.44 -20.42
C TYR A 174 2.40 -20.95 -20.18
N GLU A 175 1.83 -20.56 -19.04
CA GLU A 175 1.64 -19.16 -18.72
C GLU A 175 2.78 -18.60 -17.90
N THR A 176 3.42 -19.44 -17.09
CA THR A 176 4.54 -18.99 -16.26
C THR A 176 5.34 -20.17 -15.78
N ASP A 177 6.61 -19.87 -15.43
CA ASP A 177 7.48 -20.82 -14.73
C ASP A 177 7.67 -20.44 -13.27
N PHE A 178 6.83 -19.56 -12.73
CA PHE A 178 6.96 -19.10 -11.35
C PHE A 178 5.60 -19.23 -10.66
N ILE A 179 5.53 -20.15 -9.68
CA ILE A 179 4.30 -20.51 -8.95
C ILE A 179 3.33 -21.27 -9.85
N ASN A 180 3.56 -22.57 -9.99
CA ASN A 180 2.70 -23.41 -10.81
C ASN A 180 1.73 -24.25 -9.99
N THR A 181 2.02 -24.48 -8.71
CA THR A 181 1.21 -25.35 -7.87
C THR A 181 0.77 -24.63 -6.59
N ILE A 182 -0.27 -25.20 -5.97
CA ILE A 182 -0.69 -24.77 -4.64
C ILE A 182 0.47 -24.84 -3.66
N ASP A 183 1.28 -25.90 -3.73
CA ASP A 183 2.43 -26.01 -2.82
C ASP A 183 3.42 -24.87 -3.02
N ASP A 184 3.72 -24.50 -4.27
CA ASP A 184 4.57 -23.35 -4.53
C ASP A 184 4.05 -22.13 -3.79
N ALA A 185 2.73 -21.91 -3.86
CA ALA A 185 2.14 -20.75 -3.24
C ALA A 185 2.15 -20.85 -1.72
N LEU A 186 1.88 -22.05 -1.17
CA LEU A 186 1.89 -22.23 0.29
C LEU A 186 3.26 -21.95 0.87
N ARG A 187 4.33 -22.37 0.18
CA ARG A 187 5.67 -22.07 0.64
C ARG A 187 5.90 -20.56 0.72
N ILE A 188 5.44 -19.84 -0.30
CA ILE A 188 5.59 -18.39 -0.30
C ILE A 188 4.77 -17.75 0.82
N LEU A 189 3.55 -18.25 1.06
CA LEU A 189 2.73 -17.66 2.12
C LEU A 189 3.40 -17.80 3.47
N ARG A 190 4.09 -18.93 3.68
CA ARG A 190 4.75 -19.10 4.98
C ARG A 190 5.88 -18.11 5.16
N LYS A 191 6.54 -17.70 4.07
CA LYS A 191 7.60 -16.71 4.16
C LYS A 191 7.04 -15.31 4.30
N ILE A 192 5.92 -15.00 3.63
CA ILE A 192 5.34 -13.67 3.77
C ILE A 192 4.75 -13.48 5.16
N ASN A 193 4.09 -14.53 5.67
CA ASN A 193 3.62 -14.56 7.04
C ASN A 193 2.58 -13.49 7.35
N SER A 194 1.61 -13.31 6.44
CA SER A 194 0.51 -12.37 6.62
C SER A 194 -0.81 -13.03 6.26
N ASN A 195 -1.80 -12.88 7.14
CA ASN A 195 -3.14 -13.37 6.80
C ASN A 195 -3.82 -12.53 5.73
N ARG A 196 -3.22 -11.44 5.29
CA ARG A 196 -3.76 -10.66 4.18
C ARG A 196 -3.34 -11.19 2.82
N VAL A 197 -2.60 -12.30 2.77
CA VAL A 197 -2.27 -12.96 1.51
C VAL A 197 -2.72 -14.41 1.60
N GLY A 198 -3.50 -14.84 0.62
CA GLY A 198 -3.94 -16.22 0.56
C GLY A 198 -3.81 -16.79 -0.84
N ILE A 199 -4.52 -17.87 -1.12
CA ILE A 199 -4.41 -18.61 -2.37
C ILE A 199 -5.70 -18.51 -3.15
N LEU A 200 -5.58 -18.34 -4.48
CA LEU A 200 -6.66 -18.53 -5.44
C LEU A 200 -6.32 -19.78 -6.23
N ALA A 201 -7.11 -20.85 -6.06
CA ALA A 201 -6.93 -22.07 -6.82
C ALA A 201 -7.89 -22.07 -8.01
N ASP A 202 -7.40 -22.54 -9.17
CA ASP A 202 -8.17 -22.49 -10.41
C ASP A 202 -8.21 -23.90 -10.99
N THR A 203 -9.41 -24.43 -11.22
CA THR A 203 -9.51 -25.84 -11.62
C THR A 203 -8.90 -26.11 -12.99
N PHE A 204 -8.97 -25.16 -13.92
CA PHE A 204 -8.35 -25.35 -15.22
C PHE A 204 -6.84 -25.49 -15.09
N HIS A 205 -6.21 -24.60 -14.30
CA HIS A 205 -4.76 -24.70 -14.10
C HIS A 205 -4.38 -25.92 -13.27
N MET A 206 -5.16 -26.24 -12.23
CA MET A 206 -4.88 -27.41 -11.41
C MET A 206 -4.99 -28.69 -12.19
N ASN A 207 -5.89 -28.73 -13.18
CA ASN A 207 -6.06 -29.94 -13.99
C ASN A 207 -4.75 -30.32 -14.68
N ILE A 208 -3.90 -29.34 -14.97
CA ILE A 208 -2.58 -29.61 -15.54
C ILE A 208 -1.55 -29.83 -14.43
N GLU A 209 -1.49 -28.95 -13.44
CA GLU A 209 -0.32 -28.89 -12.57
C GLU A 209 -0.41 -29.73 -11.29
N GLU A 210 -1.60 -30.02 -10.78
CA GLU A 210 -1.71 -30.70 -9.49
C GLU A 210 -1.78 -32.21 -9.68
N VAL A 211 -1.07 -32.95 -8.83
CA VAL A 211 -1.13 -34.41 -8.88
C VAL A 211 -2.51 -34.89 -8.46
N ASN A 212 -2.92 -34.56 -7.23
CA ASN A 212 -4.18 -34.97 -6.64
C ASN A 212 -4.85 -33.70 -6.14
N ILE A 213 -5.88 -33.25 -6.84
CA ILE A 213 -6.49 -31.97 -6.50
C ILE A 213 -7.13 -31.95 -5.13
N PRO A 214 -7.92 -32.94 -4.73
CA PRO A 214 -8.42 -32.94 -3.34
C PRO A 214 -7.32 -32.84 -2.30
N GLU A 215 -6.22 -33.58 -2.46
CA GLU A 215 -5.12 -33.47 -1.51
C GLU A 215 -4.51 -32.06 -1.51
N SER A 216 -4.35 -31.48 -2.71
CA SER A 216 -3.79 -30.13 -2.79
C SER A 216 -4.67 -29.13 -2.04
N LEU A 217 -5.99 -29.25 -2.19
CA LEU A 217 -6.88 -28.31 -1.51
C LEU A 217 -6.89 -28.53 -0.01
N LYS A 218 -6.74 -29.78 0.44
CA LYS A 218 -6.61 -30.02 1.88
C LYS A 218 -5.36 -29.37 2.44
N ARG A 219 -4.24 -29.46 1.73
CA ARG A 219 -3.02 -28.77 2.17
C ARG A 219 -3.25 -27.26 2.25
N ALA A 220 -3.99 -26.70 1.29
CA ALA A 220 -4.27 -25.27 1.33
C ALA A 220 -5.10 -24.91 2.55
N GLY A 221 -6.18 -25.65 2.78
CA GLY A 221 -6.98 -25.46 3.98
C GLY A 221 -7.48 -24.03 4.10
N GLU A 222 -7.22 -23.44 5.27
CA GLU A 222 -7.69 -22.09 5.57
C GLU A 222 -7.06 -21.05 4.66
N LYS A 223 -5.94 -21.37 4.00
CA LYS A 223 -5.31 -20.40 3.13
C LYS A 223 -6.01 -20.26 1.78
N LEU A 224 -6.98 -21.11 1.47
CA LEU A 224 -7.76 -20.97 0.23
C LEU A 224 -8.74 -19.83 0.43
N TYR A 225 -8.51 -18.70 -0.24
CA TYR A 225 -9.35 -17.52 -0.04
C TYR A 225 -10.33 -17.28 -1.18
N HIS A 226 -10.06 -17.84 -2.36
CA HIS A 226 -10.86 -17.60 -3.53
C HIS A 226 -10.68 -18.78 -4.46
N PHE A 227 -11.65 -18.99 -5.35
CA PHE A 227 -11.67 -20.21 -6.16
C PHE A 227 -12.20 -19.87 -7.54
N HIS A 228 -11.46 -20.26 -8.58
CA HIS A 228 -11.87 -20.08 -9.98
C HIS A 228 -12.24 -21.44 -10.55
N VAL A 229 -13.37 -21.49 -11.24
CA VAL A 229 -13.81 -22.73 -11.87
C VAL A 229 -14.00 -22.54 -13.37
N ALA A 230 -13.52 -23.54 -14.11
CA ALA A 230 -13.73 -23.73 -15.53
C ALA A 230 -13.40 -25.20 -15.77
N ASP A 231 -13.95 -25.77 -16.84
CA ASP A 231 -13.71 -27.18 -17.08
C ASP A 231 -12.31 -27.40 -17.64
N SER A 232 -12.02 -28.67 -17.98
CA SER A 232 -10.68 -29.06 -18.42
C SER A 232 -10.27 -28.33 -19.69
N ASN A 233 -11.23 -28.05 -20.57
CA ASN A 233 -11.02 -27.27 -21.79
C ASN A 233 -11.23 -25.78 -21.59
N ARG A 234 -11.38 -25.35 -20.33
CA ARG A 234 -11.71 -23.98 -19.93
C ARG A 234 -13.08 -23.53 -20.40
N TRP A 235 -13.95 -24.46 -20.81
CA TRP A 235 -15.33 -24.12 -21.10
C TRP A 235 -16.13 -24.07 -19.80
N ALA A 236 -17.42 -23.76 -19.91
CA ALA A 236 -18.27 -23.75 -18.73
C ALA A 236 -18.13 -25.08 -17.97
N PRO A 237 -18.03 -25.04 -16.64
CA PRO A 237 -18.09 -26.28 -15.84
C PRO A 237 -19.27 -27.14 -16.27
N GLY A 238 -18.98 -28.40 -16.54
CA GLY A 238 -19.94 -29.34 -17.09
C GLY A 238 -19.68 -29.71 -18.52
N CYS A 239 -18.82 -28.98 -19.22
CA CYS A 239 -18.65 -29.13 -20.67
C CYS A 239 -17.28 -29.70 -21.05
N GLY A 240 -16.55 -30.23 -20.07
CA GLY A 240 -15.30 -30.96 -20.26
C GLY A 240 -15.37 -32.26 -19.49
N HIS A 241 -14.25 -32.67 -18.91
CA HIS A 241 -14.18 -33.91 -18.14
C HIS A 241 -13.57 -33.73 -16.75
N PHE A 242 -13.52 -32.50 -16.25
CA PHE A 242 -12.95 -32.28 -14.93
C PHE A 242 -13.89 -32.83 -13.85
N ASP A 243 -13.32 -33.48 -12.84
CA ASP A 243 -14.07 -34.05 -11.71
C ASP A 243 -14.35 -32.96 -10.67
N PHE A 244 -15.44 -32.22 -10.88
CA PHE A 244 -15.83 -31.22 -9.89
C PHE A 244 -16.41 -31.86 -8.64
N ARG A 245 -17.00 -33.05 -8.75
CA ARG A 245 -17.64 -33.65 -7.58
C ARG A 245 -16.65 -33.87 -6.45
N SER A 246 -15.50 -34.44 -6.75
CA SER A 246 -14.48 -34.64 -5.71
C SER A 246 -13.99 -33.31 -5.16
N VAL A 247 -13.85 -32.29 -6.02
CA VAL A 247 -13.43 -30.97 -5.56
C VAL A 247 -14.44 -30.40 -4.55
N PHE A 248 -15.73 -30.47 -4.88
CA PHE A 248 -16.71 -29.88 -3.99
C PHE A 248 -16.85 -30.66 -2.69
N ASN A 249 -16.66 -31.98 -2.73
CA ASN A 249 -16.61 -32.73 -1.47
C ASN A 249 -15.48 -32.22 -0.59
N THR A 250 -14.34 -31.90 -1.20
CA THR A 250 -13.20 -31.41 -0.42
C THR A 250 -13.44 -30.00 0.08
N LEU A 251 -14.05 -29.14 -0.74
CA LEU A 251 -14.34 -27.79 -0.28
C LEU A 251 -15.25 -27.83 0.96
N LYS A 252 -16.22 -28.74 0.99
CA LYS A 252 -17.04 -28.90 2.18
C LYS A 252 -16.21 -29.39 3.35
N GLU A 253 -15.33 -30.37 3.10
CA GLU A 253 -14.51 -30.94 4.17
C GLU A 253 -13.61 -29.88 4.81
N ILE A 254 -13.08 -28.94 4.02
CA ILE A 254 -12.21 -27.91 4.58
C ILE A 254 -12.97 -26.69 5.06
N GLY A 255 -14.30 -26.71 4.99
CA GLY A 255 -15.10 -25.59 5.44
C GLY A 255 -15.01 -24.36 4.57
N TYR A 256 -14.75 -24.51 3.28
CA TYR A 256 -14.62 -23.35 2.40
C TYR A 256 -15.98 -22.69 2.26
N ASN A 257 -16.06 -21.40 2.59
CA ASN A 257 -17.35 -20.72 2.57
C ASN A 257 -17.26 -19.37 1.90
N ARG A 258 -16.31 -19.20 0.97
CA ARG A 258 -16.18 -17.96 0.23
C ARG A 258 -16.69 -18.14 -1.19
N TYR A 259 -16.08 -17.45 -2.16
CA TYR A 259 -16.63 -17.44 -3.50
C TYR A 259 -16.05 -18.53 -4.39
N VAL A 260 -16.95 -19.11 -5.18
CA VAL A 260 -16.62 -19.96 -6.32
C VAL A 260 -16.94 -19.12 -7.54
N SER A 261 -15.92 -18.71 -8.27
CA SER A 261 -16.07 -17.74 -9.34
C SER A 261 -15.81 -18.38 -10.69
N VAL A 262 -16.77 -18.23 -11.59
CA VAL A 262 -16.70 -18.83 -12.92
C VAL A 262 -15.81 -17.98 -13.81
N GLU A 263 -14.69 -18.56 -14.25
CA GLU A 263 -13.74 -17.87 -15.13
C GLU A 263 -13.52 -18.78 -16.32
N CYS A 264 -14.40 -18.70 -17.31
CA CYS A 264 -14.37 -19.65 -18.40
C CYS A 264 -14.48 -18.93 -19.73
N LEU A 265 -14.00 -19.61 -20.77
CA LEU A 265 -14.24 -19.13 -22.13
C LEU A 265 -15.75 -19.04 -22.36
N PRO A 266 -16.18 -18.18 -23.26
CA PRO A 266 -17.63 -18.05 -23.56
C PRO A 266 -18.12 -19.20 -24.43
N LEU A 267 -17.91 -20.42 -23.94
CA LEU A 267 -18.24 -21.64 -24.68
C LEU A 267 -18.79 -22.68 -23.72
N PRO A 268 -19.74 -23.50 -24.18
CA PRO A 268 -20.32 -23.44 -25.52
C PRO A 268 -21.35 -22.31 -25.66
N GLY A 269 -21.48 -21.80 -26.89
CA GLY A 269 -22.66 -21.03 -27.25
C GLY A 269 -22.62 -19.55 -26.92
N GLY A 270 -21.51 -19.03 -26.42
CA GLY A 270 -21.40 -17.62 -26.11
C GLY A 270 -21.39 -17.37 -24.61
N MET A 271 -21.22 -16.09 -24.27
CA MET A 271 -20.99 -15.70 -22.88
C MET A 271 -22.22 -15.96 -22.01
N GLU A 272 -23.42 -15.71 -22.55
CA GLU A 272 -24.63 -15.92 -21.75
C GLU A 272 -24.90 -17.40 -21.53
N GLU A 273 -24.80 -18.20 -22.59
CA GLU A 273 -25.03 -19.63 -22.45
C GLU A 273 -24.00 -20.28 -21.52
N ALA A 274 -22.72 -19.90 -21.67
CA ALA A 274 -21.70 -20.45 -20.79
C ALA A 274 -21.97 -20.10 -19.34
N ALA A 275 -22.36 -18.86 -19.06
CA ALA A 275 -22.62 -18.46 -17.68
C ALA A 275 -23.79 -19.24 -17.10
N GLU A 276 -24.81 -19.51 -17.91
CA GLU A 276 -25.97 -20.27 -17.43
C GLU A 276 -25.61 -21.72 -17.19
N ILE A 277 -24.90 -22.36 -18.14
CA ILE A 277 -24.48 -23.75 -17.96
C ILE A 277 -23.62 -23.88 -16.71
N ALA A 278 -22.64 -22.97 -16.56
CA ALA A 278 -21.75 -23.01 -15.40
C ALA A 278 -22.53 -22.93 -14.11
N PHE A 279 -23.48 -21.98 -14.03
CA PHE A 279 -24.28 -21.81 -12.83
C PHE A 279 -25.04 -23.09 -12.48
N LYS A 280 -25.69 -23.69 -13.48
CA LYS A 280 -26.46 -24.90 -13.23
C LYS A 280 -25.58 -26.05 -12.74
N THR A 281 -24.41 -26.24 -13.36
CA THR A 281 -23.51 -27.29 -12.91
C THR A 281 -23.10 -27.09 -11.46
N LEU A 282 -22.72 -25.85 -11.14
CA LEU A 282 -22.17 -25.57 -9.81
C LEU A 282 -23.25 -25.60 -8.74
N LYS A 283 -24.45 -25.10 -9.07
CA LYS A 283 -25.53 -25.10 -8.11
C LYS A 283 -25.90 -26.52 -7.70
N GLU A 284 -25.91 -27.45 -8.67
CA GLU A 284 -26.24 -28.83 -8.33
C GLU A 284 -25.17 -29.47 -7.46
N LEU A 285 -23.90 -29.16 -7.73
CA LEU A 285 -22.82 -29.67 -6.88
C LEU A 285 -22.95 -29.12 -5.46
N ILE A 286 -23.21 -27.82 -5.34
CA ILE A 286 -23.27 -27.19 -4.02
C ILE A 286 -24.48 -27.66 -3.23
N ILE A 287 -25.65 -27.71 -3.87
CA ILE A 287 -26.87 -27.98 -3.11
C ILE A 287 -26.86 -29.39 -2.55
N LYS A 288 -26.18 -30.32 -3.23
CA LYS A 288 -26.05 -31.69 -2.79
C LYS A 288 -24.85 -31.92 -1.87
N LEU A 289 -24.37 -30.88 -1.18
CA LEU A 289 -23.36 -31.05 -0.12
C LEU A 289 -24.02 -31.04 1.25
N MET B 21 1.77 -1.78 13.57
CA MET B 21 2.51 -0.51 13.56
C MET B 21 3.89 -0.66 14.19
N LYS B 22 4.77 0.29 13.88
CA LYS B 22 6.20 0.16 14.19
C LYS B 22 6.69 1.43 14.87
N LEU B 23 7.68 1.27 15.75
CA LEU B 23 8.24 2.39 16.50
C LEU B 23 9.57 2.83 15.88
N SER B 24 9.72 4.15 15.72
CA SER B 24 10.94 4.75 15.22
C SER B 24 11.36 5.87 16.16
N LEU B 25 12.63 6.23 16.10
CA LEU B 25 13.18 7.33 16.90
C LEU B 25 13.78 8.38 15.98
N VAL B 26 13.38 9.64 16.17
CA VAL B 26 14.05 10.75 15.49
C VAL B 26 15.34 11.04 16.23
N ILE B 27 16.45 11.08 15.50
CA ILE B 27 17.75 11.34 16.09
C ILE B 27 18.30 12.64 15.53
N SER B 28 18.88 13.46 16.40
CA SER B 28 19.45 14.74 16.02
C SER B 28 20.86 14.55 15.52
N THR B 29 21.20 15.24 14.43
CA THR B 29 22.53 15.16 13.84
C THR B 29 23.05 16.56 13.52
N SER B 30 24.34 16.77 13.78
CA SER B 30 24.98 18.02 13.40
C SER B 30 24.96 18.18 11.89
N ASP B 31 25.05 19.43 11.43
CA ASP B 31 25.11 19.72 10.01
C ASP B 31 26.46 19.28 9.44
N ALA B 32 26.42 18.41 8.43
CA ALA B 32 27.65 17.81 7.91
C ALA B 32 28.50 18.82 7.13
N ALA B 33 27.87 19.86 6.55
CA ALA B 33 28.67 20.88 5.88
C ALA B 33 29.53 21.65 6.86
N PHE B 34 29.11 21.69 8.13
CA PHE B 34 29.86 22.36 9.19
C PHE B 34 30.85 21.42 9.88
N ASP B 35 30.50 20.14 10.01
CA ASP B 35 31.37 19.17 10.67
C ASP B 35 30.89 17.77 10.26
N ALA B 36 31.47 17.26 9.16
CA ALA B 36 31.04 15.95 8.65
C ALA B 36 31.34 14.83 9.65
N LEU B 37 32.45 14.95 10.40
CA LEU B 37 32.74 13.95 11.41
C LEU B 37 31.69 13.95 12.52
N ALA B 38 31.21 15.15 12.89
CA ALA B 38 30.19 15.23 13.95
C ALA B 38 28.86 14.65 13.47
N PHE B 39 28.49 14.92 12.21
CA PHE B 39 27.30 14.28 11.65
C PHE B 39 27.41 12.76 11.76
N LYS B 40 28.52 12.19 11.29
CA LYS B 40 28.68 10.74 11.32
C LYS B 40 28.65 10.22 12.76
N GLY B 41 29.32 10.93 13.68
CA GLY B 41 29.32 10.49 15.06
C GLY B 41 27.95 10.61 15.71
N ASP B 42 27.24 11.70 15.44
CA ASP B 42 25.88 11.84 15.96
C ASP B 42 24.97 10.76 15.41
N LEU B 43 25.08 10.50 14.10
CA LEU B 43 24.22 9.50 13.47
C LEU B 43 24.47 8.11 14.06
N ARG B 44 25.75 7.74 14.19
CA ARG B 44 26.06 6.42 14.76
C ARG B 44 25.56 6.32 16.19
N LYS B 45 25.81 7.34 17.01
CA LYS B 45 25.35 7.31 18.40
C LYS B 45 23.82 7.20 18.47
N GLY B 46 23.12 7.93 17.61
CA GLY B 46 21.68 7.89 17.63
C GLY B 46 21.13 6.56 17.16
N MET B 47 21.75 5.97 16.13
CA MET B 47 21.28 4.69 15.63
C MET B 47 21.61 3.57 16.60
N GLU B 48 22.78 3.64 17.25
CA GLU B 48 23.10 2.66 18.26
C GLU B 48 22.15 2.76 19.45
N LEU B 49 21.78 3.99 19.84
CA LEU B 49 20.79 4.17 20.89
C LEU B 49 19.45 3.55 20.49
N ALA B 50 18.97 3.89 19.31
CA ALA B 50 17.68 3.37 18.86
C ALA B 50 17.66 1.85 18.88
N LYS B 51 18.73 1.22 18.38
CA LYS B 51 18.77 -0.24 18.35
C LYS B 51 18.81 -0.81 19.77
N ARG B 52 19.61 -0.21 20.64
CA ARG B 52 19.72 -0.68 22.02
C ARG B 52 18.38 -0.60 22.74
N VAL B 53 17.63 0.48 22.52
CA VAL B 53 16.36 0.61 23.22
C VAL B 53 15.29 -0.30 22.64
N GLY B 54 15.35 -0.60 21.35
CA GLY B 54 14.39 -1.50 20.76
C GLY B 54 13.60 -0.91 19.61
N TYR B 55 13.92 0.31 19.19
CA TYR B 55 13.23 0.90 18.05
C TYR B 55 13.49 0.09 16.79
N GLN B 56 12.49 0.07 15.91
CA GLN B 56 12.54 -0.69 14.66
C GLN B 56 13.08 0.10 13.48
N ALA B 57 13.21 1.42 13.61
CA ALA B 57 13.77 2.25 12.56
C ALA B 57 14.18 3.57 13.19
N VAL B 58 14.91 4.37 12.42
CA VAL B 58 15.23 5.73 12.83
C VAL B 58 14.70 6.69 11.78
N GLU B 59 14.60 7.94 12.20
CA GLU B 59 14.20 9.05 11.36
C GLU B 59 15.24 10.15 11.54
N ILE B 60 15.62 10.79 10.45
CA ILE B 60 16.66 11.80 10.49
C ILE B 60 16.13 13.12 9.94
N ALA B 61 16.93 14.17 10.11
CA ALA B 61 16.63 15.47 9.52
C ALA B 61 17.95 16.09 9.08
N VAL B 62 18.04 16.50 7.82
CA VAL B 62 19.24 17.13 7.30
C VAL B 62 18.87 18.39 6.53
N ARG B 63 19.70 19.42 6.66
CA ARG B 63 19.47 20.68 5.96
C ARG B 63 19.75 20.53 4.48
N ASP B 64 20.93 20.00 4.14
CA ASP B 64 21.35 19.84 2.76
C ASP B 64 21.94 18.44 2.60
N PRO B 65 21.28 17.54 1.88
CA PRO B 65 21.80 16.17 1.77
C PRO B 65 23.01 16.04 0.86
N SER B 66 23.27 17.02 -0.02
CA SER B 66 24.29 16.85 -1.04
C SER B 66 25.70 16.81 -0.48
N ILE B 67 25.90 17.15 0.79
CA ILE B 67 27.23 17.12 1.42
C ILE B 67 27.38 15.95 2.37
N VAL B 68 26.36 15.11 2.51
CA VAL B 68 26.40 13.97 3.41
C VAL B 68 26.81 12.73 2.63
N ASP B 69 27.46 11.82 3.34
CA ASP B 69 28.07 10.61 2.81
C ASP B 69 27.06 9.47 2.95
N TRP B 70 26.19 9.31 1.94
CA TRP B 70 25.00 8.47 2.08
C TRP B 70 25.27 6.99 1.86
N ASN B 71 26.29 6.63 1.08
CA ASN B 71 26.59 5.21 0.95
C ASN B 71 27.09 4.62 2.25
N GLU B 72 27.83 5.38 3.05
CA GLU B 72 28.22 4.89 4.37
C GLU B 72 27.05 4.85 5.33
N VAL B 73 26.11 5.79 5.20
CA VAL B 73 24.89 5.72 6.00
C VAL B 73 24.15 4.42 5.72
N LYS B 74 24.09 4.00 4.45
CA LYS B 74 23.44 2.74 4.12
C LYS B 74 24.19 1.56 4.72
N ILE B 75 25.53 1.65 4.78
CA ILE B 75 26.32 0.58 5.40
C ILE B 75 25.96 0.43 6.87
N LEU B 76 25.86 1.55 7.58
CA LEU B 76 25.54 1.49 9.00
C LEU B 76 24.12 0.97 9.21
N SER B 77 23.17 1.41 8.39
CA SER B 77 21.80 0.92 8.48
C SER B 77 21.72 -0.59 8.29
N GLU B 78 22.45 -1.11 7.30
CA GLU B 78 22.41 -2.55 7.07
C GLU B 78 23.09 -3.33 8.18
N GLU B 79 24.22 -2.81 8.69
CA GLU B 79 24.94 -3.52 9.75
C GLU B 79 24.14 -3.51 11.06
N LEU B 80 23.37 -2.46 11.32
CA LEU B 80 22.58 -2.36 12.52
C LEU B 80 21.16 -2.89 12.34
N ASN B 81 20.84 -3.41 11.15
CA ASN B 81 19.51 -3.89 10.81
C ASN B 81 18.44 -2.89 11.23
N LEU B 82 18.63 -1.65 10.79
CA LEU B 82 17.85 -0.52 11.29
C LEU B 82 17.52 0.40 10.11
N PRO B 83 16.32 0.28 9.55
CA PRO B 83 15.94 1.14 8.43
C PRO B 83 15.83 2.61 8.83
N ILE B 84 15.91 3.46 7.82
CA ILE B 84 15.60 4.89 7.96
C ILE B 84 14.23 5.10 7.35
N CYS B 85 13.26 5.51 8.16
CA CYS B 85 11.89 5.53 7.69
C CYS B 85 11.45 6.88 7.14
N ALA B 86 12.14 7.97 7.50
CA ALA B 86 11.70 9.29 7.07
C ALA B 86 12.87 10.27 7.17
N ILE B 87 12.83 11.29 6.32
CA ILE B 87 13.87 12.31 6.27
C ILE B 87 13.20 13.68 6.40
N GLY B 88 13.62 14.45 7.42
CA GLY B 88 13.10 15.79 7.63
C GLY B 88 13.88 16.84 6.85
N THR B 89 13.17 17.91 6.46
CA THR B 89 13.71 18.93 5.57
C THR B 89 13.65 20.34 6.15
N GLY B 90 13.16 20.49 7.38
CA GLY B 90 12.83 21.81 7.89
C GLY B 90 14.00 22.76 8.04
N GLN B 91 15.21 22.23 8.20
N GLN B 91 15.21 22.25 8.22
CA GLN B 91 16.38 23.09 8.32
CA GLN B 91 16.36 23.14 8.33
C GLN B 91 16.66 23.84 7.02
C GLN B 91 16.69 23.83 7.02
N ALA B 92 16.23 23.29 5.88
CA ALA B 92 16.36 24.00 4.61
C ALA B 92 15.65 25.35 4.68
N TYR B 93 14.56 25.43 5.45
CA TYR B 93 13.87 26.68 5.68
C TYR B 93 14.52 27.49 6.80
N LEU B 94 14.70 26.88 7.98
CA LEU B 94 15.17 27.62 9.15
C LEU B 94 16.56 28.19 8.94
N ALA B 95 17.44 27.43 8.29
CA ALA B 95 18.81 27.88 8.12
C ALA B 95 19.03 28.58 6.79
N ASP B 96 18.49 28.05 5.69
CA ASP B 96 18.80 28.54 4.35
C ASP B 96 17.71 29.42 3.76
N GLY B 97 16.56 29.57 4.43
CA GLY B 97 15.50 30.41 3.89
C GLY B 97 14.76 29.84 2.71
N LEU B 98 14.96 28.56 2.40
CA LEU B 98 14.29 27.95 1.25
C LEU B 98 12.86 27.56 1.61
N SER B 99 11.93 27.93 0.74
CA SER B 99 10.51 27.69 0.96
C SER B 99 9.84 27.31 -0.35
N LEU B 100 8.97 26.31 -0.29
CA LEU B 100 8.19 25.92 -1.45
C LEU B 100 7.11 26.93 -1.82
N THR B 101 6.90 27.96 -1.00
CA THR B 101 5.98 29.05 -1.33
C THR B 101 6.68 30.40 -1.36
N HIS B 102 8.01 30.42 -1.47
CA HIS B 102 8.72 31.67 -1.44
C HIS B 102 8.22 32.56 -2.56
N PRO B 103 7.94 33.85 -2.30
CA PRO B 103 7.50 34.73 -3.39
C PRO B 103 8.56 34.91 -4.47
N ASN B 104 9.83 34.76 -4.12
CA ASN B 104 10.90 34.89 -5.09
C ASN B 104 11.02 33.56 -5.83
N ASP B 105 10.69 33.57 -7.12
CA ASP B 105 10.66 32.33 -7.89
C ASP B 105 12.04 31.68 -7.99
N GLU B 106 13.11 32.48 -7.98
CA GLU B 106 14.46 31.94 -7.94
C GLU B 106 14.69 31.11 -6.69
N ILE B 107 14.26 31.63 -5.53
CA ILE B 107 14.46 30.91 -4.29
C ILE B 107 13.52 29.71 -4.23
N ARG B 108 12.29 29.86 -4.72
CA ARG B 108 11.35 28.74 -4.73
C ARG B 108 11.90 27.59 -5.58
N LYS B 109 12.49 27.91 -6.74
CA LYS B 109 13.12 26.88 -7.55
C LYS B 109 14.22 26.17 -6.81
N LYS B 110 15.07 26.92 -6.09
CA LYS B 110 16.12 26.27 -5.31
C LYS B 110 15.55 25.42 -4.19
N ALA B 111 14.43 25.85 -3.60
CA ALA B 111 13.78 25.03 -2.58
C ALA B 111 13.31 23.70 -3.15
N ILE B 112 12.71 23.74 -4.35
CA ILE B 112 12.28 22.52 -5.01
C ILE B 112 13.47 21.62 -5.29
N GLU B 113 14.54 22.21 -5.83
CA GLU B 113 15.72 21.43 -6.17
C GLU B 113 16.35 20.81 -4.92
N ARG B 114 16.34 21.55 -3.80
CA ARG B 114 16.84 20.98 -2.55
C ARG B 114 16.01 19.77 -2.14
N VAL B 115 14.68 19.90 -2.18
CA VAL B 115 13.82 18.79 -1.77
C VAL B 115 13.97 17.60 -2.72
N VAL B 116 14.21 17.85 -4.01
CA VAL B 116 14.51 16.75 -4.93
C VAL B 116 15.72 15.96 -4.43
N LYS B 117 16.76 16.65 -3.95
CA LYS B 117 17.91 15.95 -3.39
C LYS B 117 17.53 15.14 -2.17
N HIS B 118 16.69 15.70 -1.27
CA HIS B 118 16.19 14.90 -0.16
C HIS B 118 15.51 13.62 -0.64
N THR B 119 14.76 13.69 -1.75
CA THR B 119 14.08 12.49 -2.23
C THR B 119 15.07 11.46 -2.76
N GLU B 120 16.20 11.90 -3.32
CA GLU B 120 17.21 10.94 -3.74
C GLU B 120 17.74 10.15 -2.56
N VAL B 121 18.00 10.83 -1.44
CA VAL B 121 18.42 10.14 -0.23
C VAL B 121 17.31 9.21 0.24
N ALA B 122 16.07 9.71 0.27
CA ALA B 122 14.96 8.88 0.73
C ALA B 122 14.82 7.62 -0.10
N GLY B 123 15.07 7.73 -1.40
CA GLY B 123 14.91 6.58 -2.29
C GLY B 123 15.89 5.47 -2.02
N MET B 124 17.08 5.80 -1.50
CA MET B 124 18.03 4.76 -1.11
C MET B 124 17.49 3.93 0.05
N PHE B 125 16.61 4.50 0.85
CA PHE B 125 16.19 3.89 2.10
C PHE B 125 14.72 3.50 2.11
N GLY B 126 13.99 3.77 1.03
CA GLY B 126 12.55 3.56 1.04
C GLY B 126 11.83 4.46 2.02
N ALA B 127 12.38 5.65 2.28
CA ALA B 127 11.89 6.53 3.32
C ALA B 127 10.96 7.59 2.77
N LEU B 128 10.14 8.14 3.66
CA LEU B 128 9.27 9.27 3.35
C LEU B 128 10.04 10.58 3.46
N VAL B 129 9.62 11.58 2.69
CA VAL B 129 10.17 12.94 2.78
C VAL B 129 9.14 13.82 3.48
N ILE B 130 9.56 14.49 4.55
CA ILE B 130 8.63 15.30 5.33
C ILE B 130 8.58 16.71 4.79
N ILE B 131 7.36 17.20 4.53
CA ILE B 131 7.13 18.58 4.13
C ILE B 131 6.55 19.26 5.37
N GLY B 132 7.42 19.84 6.18
CA GLY B 132 7.03 20.63 7.33
C GLY B 132 7.26 22.10 7.05
N LEU B 133 8.14 22.75 7.83
CA LEU B 133 8.40 24.17 7.68
C LEU B 133 8.92 24.55 6.29
N VAL B 134 9.48 23.60 5.53
CA VAL B 134 9.98 23.92 4.20
C VAL B 134 8.88 24.43 3.28
N ARG B 135 7.62 24.22 3.63
CA ARG B 135 6.54 24.73 2.77
C ARG B 135 6.43 26.24 2.83
N GLY B 136 6.92 26.88 3.89
CA GLY B 136 6.86 28.32 4.03
C GLY B 136 5.52 28.81 4.56
N ARG B 137 5.50 30.12 4.87
CA ARG B 137 4.39 30.83 5.50
C ARG B 137 3.70 31.78 4.51
N ARG B 138 2.57 32.35 4.95
CA ARG B 138 1.84 33.27 4.07
C ARG B 138 2.62 34.54 3.74
N GLU B 139 3.44 35.04 4.67
CA GLU B 139 4.25 36.23 4.44
C GLU B 139 3.43 37.39 3.87
N GLY B 140 2.30 37.67 4.53
CA GLY B 140 1.48 38.80 4.15
C GLY B 140 0.54 38.56 2.99
N ARG B 141 0.56 37.37 2.40
CA ARG B 141 -0.30 37.06 1.27
C ARG B 141 -1.57 36.36 1.74
N SER B 142 -2.53 36.22 0.83
CA SER B 142 -3.73 35.48 1.14
C SER B 142 -3.39 34.00 1.34
N TYR B 143 -4.27 33.31 2.07
CA TYR B 143 -4.11 31.87 2.19
C TYR B 143 -4.16 31.23 0.82
N GLU B 144 -5.08 31.71 -0.04
CA GLU B 144 -5.29 31.10 -1.34
C GLU B 144 -4.07 31.24 -2.25
N GLU B 145 -3.42 32.40 -2.27
CA GLU B 145 -2.21 32.54 -3.09
C GLU B 145 -1.11 31.62 -2.59
N THR B 146 -0.92 31.56 -1.28
CA THR B 146 0.09 30.69 -0.70
C THR B 146 -0.19 29.23 -1.04
N GLU B 147 -1.45 28.82 -0.90
CA GLU B 147 -1.87 27.45 -1.17
C GLU B 147 -1.63 27.08 -2.64
N GLU B 148 -2.00 27.95 -3.58
CA GLU B 148 -1.82 27.61 -4.98
C GLU B 148 -0.35 27.52 -5.34
N LEU B 149 0.49 28.38 -4.76
CA LEU B 149 1.92 28.26 -4.99
C LEU B 149 2.46 26.95 -4.42
N PHE B 150 1.99 26.57 -3.23
CA PHE B 150 2.39 25.30 -2.64
C PHE B 150 1.99 24.13 -3.54
N ILE B 151 0.75 24.12 -4.02
CA ILE B 151 0.29 23.03 -4.87
C ILE B 151 1.11 22.95 -6.14
N GLU B 152 1.48 24.10 -6.71
CA GLU B 152 2.33 24.11 -7.89
C GLU B 152 3.69 23.50 -7.59
N SER B 153 4.29 23.86 -6.45
CA SER B 153 5.58 23.30 -6.10
C SER B 153 5.49 21.80 -5.86
N MET B 154 4.42 21.36 -5.19
CA MET B 154 4.25 19.93 -4.97
C MET B 154 4.05 19.18 -6.28
N LYS B 155 3.25 19.72 -7.21
CA LYS B 155 3.09 19.06 -8.50
C LYS B 155 4.41 19.04 -9.27
N ARG B 156 5.23 20.08 -9.12
CA ARG B 156 6.55 20.07 -9.76
C ARG B 156 7.44 19.01 -9.14
N LEU B 157 7.43 18.86 -7.81
CA LEU B 157 8.19 17.81 -7.16
C LEU B 157 7.77 16.44 -7.66
N LEU B 158 6.46 16.22 -7.82
CA LEU B 158 5.97 14.95 -8.31
C LEU B 158 6.41 14.68 -9.75
N GLU B 159 6.57 15.73 -10.55
CA GLU B 159 7.03 15.52 -11.92
C GLU B 159 8.53 15.32 -11.98
N LEU B 160 9.29 15.92 -11.06
CA LEU B 160 10.75 15.80 -11.07
C LEU B 160 11.26 14.54 -10.39
N THR B 161 10.42 13.88 -9.59
CA THR B 161 10.77 12.64 -8.92
C THR B 161 9.74 11.59 -9.33
N GLU B 162 10.15 10.33 -9.43
CA GLU B 162 9.17 9.38 -9.95
C GLU B 162 8.54 8.48 -8.90
N HIS B 163 9.24 8.19 -7.81
CA HIS B 163 8.73 7.26 -6.81
C HIS B 163 8.71 7.86 -5.41
N ALA B 164 9.26 9.06 -5.21
CA ALA B 164 9.33 9.67 -3.90
C ALA B 164 7.94 9.84 -3.30
N LYS B 165 7.84 9.71 -1.99
CA LYS B 165 6.59 9.92 -1.29
C LYS B 165 6.78 11.02 -0.23
N PHE B 166 5.84 11.95 -0.19
CA PHE B 166 5.91 13.12 0.66
C PHE B 166 4.81 13.08 1.71
N VAL B 167 5.10 13.60 2.89
CA VAL B 167 4.10 13.71 3.96
C VAL B 167 4.05 15.15 4.45
N ILE B 168 2.87 15.74 4.41
CA ILE B 168 2.67 17.11 4.87
C ILE B 168 2.34 17.07 6.34
N GLU B 169 3.11 17.82 7.16
CA GLU B 169 2.87 17.85 8.60
C GLU B 169 2.15 19.14 8.97
N PRO B 170 0.90 19.09 9.42
CA PRO B 170 0.28 20.31 9.96
C PRO B 170 1.02 20.75 11.22
N LEU B 171 1.31 22.04 11.31
CA LEU B 171 2.07 22.61 12.42
C LEU B 171 1.24 23.65 13.15
N ASN B 172 1.55 23.90 14.42
CA ASN B 172 0.73 24.83 15.18
C ASN B 172 0.95 26.28 14.71
N ARG B 173 0.02 27.13 15.14
CA ARG B 173 -0.07 28.54 14.74
C ARG B 173 1.19 29.34 15.03
N TYR B 174 1.96 28.96 16.05
CA TYR B 174 3.18 29.73 16.34
C TYR B 174 4.30 29.43 15.35
N GLU B 175 4.26 28.28 14.69
CA GLU B 175 5.28 27.91 13.72
C GLU B 175 4.93 28.32 12.31
N THR B 176 3.64 28.37 11.98
CA THR B 176 3.24 28.77 10.63
C THR B 176 1.78 29.18 10.64
N ASP B 177 1.42 29.96 9.63
CA ASP B 177 0.02 30.28 9.33
C ASP B 177 -0.47 29.55 8.10
N PHE B 178 0.26 28.54 7.63
CA PHE B 178 -0.13 27.81 6.43
C PHE B 178 -0.12 26.32 6.75
N ILE B 179 -1.32 25.71 6.73
CA ILE B 179 -1.60 24.31 7.03
C ILE B 179 -1.43 24.03 8.53
N ASN B 180 -2.45 24.35 9.30
CA ASN B 180 -2.38 24.17 10.75
C ASN B 180 -3.13 22.94 11.23
N THR B 181 -4.03 22.38 10.42
CA THR B 181 -4.83 21.25 10.87
C THR B 181 -4.81 20.11 9.85
N ILE B 182 -5.17 18.93 10.35
CA ILE B 182 -5.34 17.76 9.49
C ILE B 182 -6.38 18.04 8.40
N ASP B 183 -7.50 18.66 8.77
CA ASP B 183 -8.54 18.89 7.76
C ASP B 183 -8.05 19.82 6.67
N ASP B 184 -7.24 20.82 7.02
CA ASP B 184 -6.71 21.68 5.97
C ASP B 184 -5.77 20.90 5.07
N ALA B 185 -4.93 20.04 5.66
CA ALA B 185 -4.04 19.23 4.84
C ALA B 185 -4.83 18.30 3.92
N LEU B 186 -5.93 17.73 4.43
CA LEU B 186 -6.73 16.82 3.59
C LEU B 186 -7.34 17.56 2.41
N ARG B 187 -7.83 18.78 2.63
CA ARG B 187 -8.37 19.58 1.54
C ARG B 187 -7.30 19.84 0.49
N ILE B 188 -6.08 20.15 0.91
CA ILE B 188 -4.99 20.39 -0.03
C ILE B 188 -4.56 19.10 -0.74
N LEU B 189 -4.59 17.97 -0.04
CA LEU B 189 -4.27 16.69 -0.68
C LEU B 189 -5.22 16.38 -1.83
N ARG B 190 -6.51 16.68 -1.66
CA ARG B 190 -7.45 16.43 -2.74
C ARG B 190 -7.13 17.28 -3.97
N LYS B 191 -6.61 18.49 -3.76
CA LYS B 191 -6.25 19.34 -4.89
C LYS B 191 -4.97 18.85 -5.58
N ILE B 192 -4.03 18.28 -4.82
CA ILE B 192 -2.83 17.72 -5.45
C ILE B 192 -3.16 16.45 -6.20
N ASN B 193 -4.05 15.63 -5.64
CA ASN B 193 -4.61 14.45 -6.30
C ASN B 193 -3.56 13.40 -6.64
N SER B 194 -2.72 13.06 -5.66
CA SER B 194 -1.69 12.05 -5.84
C SER B 194 -1.55 11.20 -4.60
N ASN B 195 -1.54 9.87 -4.77
CA ASN B 195 -1.27 9.02 -3.61
C ASN B 195 0.17 9.10 -3.13
N ARG B 196 1.02 9.85 -3.82
CA ARG B 196 2.39 10.06 -3.38
C ARG B 196 2.52 11.17 -2.36
N VAL B 197 1.42 11.82 -1.97
CA VAL B 197 1.42 12.81 -0.91
C VAL B 197 0.39 12.42 0.14
N GLY B 198 0.81 12.38 1.39
CA GLY B 198 -0.09 12.07 2.49
C GLY B 198 0.16 12.97 3.67
N ILE B 199 -0.30 12.58 4.85
CA ILE B 199 -0.29 13.44 6.04
C ILE B 199 0.63 12.84 7.09
N LEU B 200 1.40 13.70 7.75
CA LEU B 200 2.12 13.36 8.96
C LEU B 200 1.43 14.10 10.10
N ALA B 201 0.81 13.37 11.04
CA ALA B 201 0.19 13.99 12.20
C ALA B 201 1.16 13.93 13.38
N ASP B 202 1.23 15.03 14.15
CA ASP B 202 2.15 15.16 15.28
C ASP B 202 1.36 15.48 16.54
N THR B 203 1.48 14.63 17.57
CA THR B 203 0.64 14.80 18.76
C THR B 203 0.88 16.11 19.49
N PHE B 204 2.12 16.62 19.50
CA PHE B 204 2.37 17.90 20.14
C PHE B 204 1.64 19.02 19.42
N HIS B 205 1.70 19.04 18.08
CA HIS B 205 1.01 20.07 17.33
C HIS B 205 -0.51 19.88 17.39
N MET B 206 -0.98 18.63 17.30
CA MET B 206 -2.41 18.37 17.36
C MET B 206 -2.98 18.74 18.72
N ASN B 207 -2.19 18.59 19.78
CA ASN B 207 -2.68 18.97 21.11
C ASN B 207 -3.13 20.42 21.15
N ILE B 208 -2.55 21.27 20.31
CA ILE B 208 -2.97 22.66 20.19
C ILE B 208 -4.07 22.80 19.13
N GLU B 209 -3.85 22.25 17.94
CA GLU B 209 -4.66 22.65 16.79
C GLU B 209 -5.90 21.79 16.53
N GLU B 210 -5.96 20.54 16.98
CA GLU B 210 -7.09 19.68 16.64
C GLU B 210 -8.16 19.71 17.72
N VAL B 211 -9.42 19.83 17.29
CA VAL B 211 -10.53 19.82 18.24
C VAL B 211 -10.58 18.49 18.99
N ASN B 212 -10.71 17.40 18.24
CA ASN B 212 -10.87 16.06 18.79
C ASN B 212 -9.89 15.19 18.00
N ILE B 213 -8.81 14.77 18.64
CA ILE B 213 -7.76 14.08 17.91
C ILE B 213 -8.21 12.75 17.33
N PRO B 214 -8.90 11.88 18.08
CA PRO B 214 -9.42 10.66 17.43
C PRO B 214 -10.27 10.93 16.20
N GLU B 215 -11.17 11.91 16.25
CA GLU B 215 -11.99 12.21 15.08
C GLU B 215 -11.14 12.72 13.92
N SER B 216 -10.13 13.54 14.20
CA SER B 216 -9.24 14.02 13.13
C SER B 216 -8.50 12.87 12.48
N LEU B 217 -8.00 11.93 13.29
CA LEU B 217 -7.26 10.80 12.73
C LEU B 217 -8.16 9.90 11.90
N LYS B 218 -9.42 9.73 12.32
CA LYS B 218 -10.35 8.94 11.53
C LYS B 218 -10.67 9.59 10.19
N ARG B 219 -10.76 10.93 10.17
CA ARG B 219 -10.96 11.60 8.89
C ARG B 219 -9.74 11.43 7.98
N ALA B 220 -8.54 11.50 8.55
CA ALA B 220 -7.34 11.25 7.76
C ALA B 220 -7.34 9.83 7.22
N GLY B 221 -7.65 8.86 8.06
CA GLY B 221 -7.78 7.48 7.61
C GLY B 221 -6.52 6.99 6.92
N GLU B 222 -6.71 6.41 5.73
CA GLU B 222 -5.58 5.87 4.97
C GLU B 222 -4.61 6.95 4.50
N LYS B 223 -5.01 8.21 4.54
CA LYS B 223 -4.10 9.29 4.15
C LYS B 223 -3.15 9.68 5.27
N LEU B 224 -3.28 9.08 6.45
CA LEU B 224 -2.30 9.26 7.51
C LEU B 224 -1.13 8.32 7.20
N TYR B 225 -0.04 8.90 6.69
CA TYR B 225 1.11 8.13 6.21
C TYR B 225 2.21 7.96 7.25
N HIS B 226 2.31 8.86 8.23
CA HIS B 226 3.39 8.84 9.20
C HIS B 226 2.89 9.57 10.45
N PHE B 227 3.54 9.32 11.58
CA PHE B 227 3.03 9.82 12.86
C PHE B 227 4.20 10.20 13.74
N HIS B 228 4.14 11.39 14.33
CA HIS B 228 5.13 11.87 15.29
C HIS B 228 4.51 11.92 16.67
N VAL B 229 5.24 11.43 17.68
CA VAL B 229 4.78 11.47 19.06
C VAL B 229 5.74 12.24 19.96
N ALA B 230 5.15 13.10 20.77
CA ALA B 230 5.78 13.78 21.90
C ALA B 230 4.63 14.18 22.81
N ASP B 231 4.93 14.41 24.08
CA ASP B 231 3.86 14.73 24.99
C ASP B 231 3.43 16.19 24.82
N SER B 232 2.48 16.61 25.66
CA SER B 232 1.89 17.95 25.58
C SER B 232 2.95 19.03 25.73
N ASN B 233 3.95 18.79 26.58
CA ASN B 233 5.10 19.70 26.77
C ASN B 233 6.25 19.38 25.84
N ARG B 234 6.04 18.51 24.86
CA ARG B 234 7.03 17.99 23.92
C ARG B 234 8.11 17.14 24.56
N TRP B 235 7.92 16.72 25.82
CA TRP B 235 8.84 15.78 26.42
C TRP B 235 8.52 14.36 25.95
N ALA B 236 9.29 13.39 26.45
CA ALA B 236 9.03 12.00 26.09
C ALA B 236 7.58 11.64 26.39
N PRO B 237 6.90 10.93 25.49
CA PRO B 237 5.56 10.44 25.79
C PRO B 237 5.52 9.76 27.16
N GLY B 238 4.55 10.19 27.98
CA GLY B 238 4.44 9.75 29.36
C GLY B 238 4.78 10.82 30.37
N CYS B 239 5.38 11.93 29.94
CA CYS B 239 5.90 12.94 30.86
C CYS B 239 5.13 14.27 30.79
N GLY B 240 3.98 14.29 30.11
CA GLY B 240 3.06 15.40 30.11
C GLY B 240 1.68 14.92 30.50
N HIS B 241 0.65 15.45 29.82
CA HIS B 241 -0.73 15.04 30.07
C HIS B 241 -1.47 14.64 28.80
N PHE B 242 -0.78 14.38 27.70
CA PHE B 242 -1.47 14.02 26.48
C PHE B 242 -2.05 12.61 26.59
N ASP B 243 -3.26 12.44 26.04
CA ASP B 243 -3.96 11.15 26.08
C ASP B 243 -3.51 10.28 24.90
N PHE B 244 -2.41 9.54 25.10
CA PHE B 244 -1.95 8.63 24.06
C PHE B 244 -2.85 7.40 23.94
N ARG B 245 -3.48 6.98 25.04
CA ARG B 245 -4.36 5.82 25.01
C ARG B 245 -5.42 5.92 23.92
N SER B 246 -6.15 7.02 23.90
CA SER B 246 -7.19 7.21 22.89
C SER B 246 -6.61 7.31 21.48
N VAL B 247 -5.42 7.93 21.34
CA VAL B 247 -4.78 7.97 20.02
C VAL B 247 -4.46 6.56 19.53
N PHE B 248 -3.89 5.72 20.40
CA PHE B 248 -3.52 4.39 19.97
C PHE B 248 -4.71 3.48 19.75
N ASN B 249 -5.77 3.64 20.55
CA ASN B 249 -7.03 2.96 20.25
C ASN B 249 -7.49 3.31 18.84
N THR B 250 -7.44 4.60 18.49
CA THR B 250 -7.87 5.02 17.16
C THR B 250 -6.98 4.45 16.07
N LEU B 251 -5.65 4.51 16.26
CA LEU B 251 -4.74 3.98 15.26
C LEU B 251 -5.00 2.50 15.01
N LYS B 252 -5.27 1.74 16.08
CA LYS B 252 -5.61 0.34 15.91
C LYS B 252 -6.91 0.16 15.16
N GLU B 253 -7.92 0.97 15.49
CA GLU B 253 -9.22 0.86 14.84
C GLU B 253 -9.16 1.16 13.34
N ILE B 254 -8.29 2.08 12.91
CA ILE B 254 -8.15 2.39 11.50
C ILE B 254 -7.17 1.48 10.79
N GLY B 255 -6.54 0.55 11.49
CA GLY B 255 -5.61 -0.38 10.87
C GLY B 255 -4.27 0.23 10.56
N TYR B 256 -3.83 1.23 11.32
CA TYR B 256 -2.54 1.87 11.07
C TYR B 256 -1.41 0.87 11.24
N ASN B 257 -0.66 0.63 10.16
CA ASN B 257 0.45 -0.31 10.18
C ASN B 257 1.74 0.35 9.71
N ARG B 258 1.84 1.67 9.92
CA ARG B 258 2.99 2.45 9.49
C ARG B 258 3.81 2.83 10.73
N TYR B 259 4.61 3.89 10.62
CA TYR B 259 5.52 4.21 11.72
C TYR B 259 4.96 5.23 12.71
N VAL B 260 5.26 4.99 13.98
CA VAL B 260 5.06 5.95 15.06
C VAL B 260 6.45 6.37 15.49
N SER B 261 6.81 7.62 15.25
CA SER B 261 8.19 8.08 15.39
C SER B 261 8.27 9.07 16.54
N VAL B 262 9.17 8.81 17.48
CA VAL B 262 9.35 9.67 18.65
C VAL B 262 10.14 10.89 18.23
N GLU B 263 9.51 12.07 18.31
CA GLU B 263 10.13 13.36 17.97
C GLU B 263 9.90 14.28 19.17
N CYS B 264 10.77 14.18 20.16
CA CYS B 264 10.56 14.90 21.40
C CYS B 264 11.84 15.59 21.84
N LEU B 265 11.67 16.57 22.74
CA LEU B 265 12.81 17.18 23.39
C LEU B 265 13.55 16.11 24.18
N PRO B 266 14.89 16.29 24.39
CA PRO B 266 15.67 15.34 25.19
C PRO B 266 15.39 15.48 26.68
N LEU B 267 14.12 15.31 27.05
CA LEU B 267 13.65 15.57 28.40
C LEU B 267 12.58 14.53 28.73
N PRO B 268 12.60 14.02 29.97
CA PRO B 268 13.56 14.41 31.01
C PRO B 268 14.90 13.69 30.85
N GLY B 269 15.97 14.30 31.33
CA GLY B 269 17.21 13.59 31.58
C GLY B 269 18.13 13.38 30.40
N GLY B 270 17.86 13.98 29.24
CA GLY B 270 18.73 13.86 28.10
C GLY B 270 18.14 12.94 27.04
N MET B 271 18.84 12.86 25.90
CA MET B 271 18.29 12.14 24.77
C MET B 271 18.15 10.64 25.01
N GLU B 272 19.07 10.03 25.77
CA GLU B 272 18.99 8.59 26.01
C GLU B 272 17.82 8.27 26.92
N GLU B 273 17.68 8.98 28.04
CA GLU B 273 16.58 8.70 28.96
C GLU B 273 15.24 9.00 28.30
N ALA B 274 15.17 10.08 27.51
CA ALA B 274 13.93 10.39 26.84
C ALA B 274 13.54 9.29 25.85
N ALA B 275 14.52 8.78 25.10
CA ALA B 275 14.24 7.69 24.17
C ALA B 275 13.78 6.42 24.90
N GLU B 276 14.39 6.13 26.05
CA GLU B 276 13.98 4.95 26.82
C GLU B 276 12.56 5.11 27.37
N ILE B 277 12.27 6.27 27.97
CA ILE B 277 10.94 6.52 28.54
C ILE B 277 9.88 6.46 27.45
N ALA B 278 10.15 7.13 26.32
CA ALA B 278 9.19 7.14 25.22
C ALA B 278 8.91 5.74 24.74
N PHE B 279 9.96 4.94 24.57
CA PHE B 279 9.78 3.58 24.09
C PHE B 279 8.95 2.75 25.07
N LYS B 280 9.25 2.87 26.37
CA LYS B 280 8.51 2.13 27.39
C LYS B 280 7.03 2.50 27.36
N THR B 281 6.74 3.80 27.29
CA THR B 281 5.36 4.26 27.25
C THR B 281 4.64 3.72 26.03
N LEU B 282 5.27 3.85 24.86
CA LEU B 282 4.59 3.52 23.61
C LEU B 282 4.46 2.02 23.40
N LYS B 283 5.50 1.24 23.72
CA LYS B 283 5.38 -0.20 23.51
C LYS B 283 4.23 -0.78 24.32
N GLU B 284 4.03 -0.27 25.54
CA GLU B 284 2.95 -0.75 26.39
C GLU B 284 1.58 -0.47 25.76
N LEU B 285 1.43 0.70 25.12
CA LEU B 285 0.19 0.98 24.42
C LEU B 285 0.05 0.16 23.14
N ILE B 286 1.16 -0.29 22.57
CA ILE B 286 1.11 -1.18 21.42
C ILE B 286 0.74 -2.59 21.86
N ILE B 287 1.53 -3.14 22.78
CA ILE B 287 1.38 -4.54 23.17
C ILE B 287 0.02 -4.79 23.84
N LYS B 288 -0.57 -3.76 24.44
CA LYS B 288 -1.91 -3.86 25.00
C LYS B 288 -2.89 -3.06 24.15
#